data_3TEF
#
_entry.id   3TEF
#
_cell.length_a   32.112
_cell.length_b   73.282
_cell.length_c   112.819
_cell.angle_alpha   90.00
_cell.angle_beta   90.00
_cell.angle_gamma   90.00
#
_symmetry.space_group_name_H-M   'P 21 21 21'
#
loop_
_entity.id
_entity.type
_entity.pdbx_description
1 polymer 'Iron(III) ABC transporter, periplasmic iron-compound-binding protein'
2 water water
#
_entity_poly.entity_id   1
_entity_poly.type   'polypeptide(L)'
_entity_poly.pdbx_seq_one_letter_code
;METVTIEHRLGKTTLEQKPQRVVVIGVGALDAIDSFGIEPVAVSKFDGTPDYLAKYKSDKYPSAGSLFEPDFETIYTQKP
DLIVIGPRASKSYDELSKIAPTIVFAAEADQGYWESTQQQWRNLGKVFAIEPAVEAKIEQVDAQFKSIMQYNQQHKSDAM
LVMSSGGNLTTFGANSRFSSVYKDFGFSETVPVSKESSHGDLISFEYIREHNPKTLLVVDRDKVVTKGETNIRQTFENDL
VKATTAYKNGHIAYLDVNAWYIAISGVKATEQMVADMKASVGMQLEHHHHHH
;
_entity_poly.pdbx_strand_id   A
#
# COMPACT_ATOMS: atom_id res chain seq x y z
N GLU A 2 8.97 -20.55 -22.84
CA GLU A 2 7.79 -19.75 -22.51
C GLU A 2 8.10 -18.78 -21.37
N THR A 3 9.07 -17.91 -21.57
CA THR A 3 9.51 -17.00 -20.53
C THR A 3 8.92 -15.61 -20.72
N VAL A 4 8.81 -14.89 -19.62
CA VAL A 4 8.44 -13.48 -19.67
C VAL A 4 9.54 -12.72 -18.95
N THR A 5 9.78 -11.47 -19.36
CA THR A 5 10.72 -10.61 -18.66
C THR A 5 9.94 -9.48 -18.01
N ILE A 6 9.99 -9.45 -16.70
CA ILE A 6 9.23 -8.49 -15.91
C ILE A 6 10.12 -7.37 -15.43
N GLU A 7 9.71 -6.13 -15.71
CA GLU A 7 10.43 -4.95 -15.25
C GLU A 7 9.80 -4.42 -13.96
N HIS A 8 10.60 -4.29 -12.92
CA HIS A 8 10.09 -3.82 -11.65
C HIS A 8 11.09 -2.90 -10.97
N ARG A 9 10.80 -2.49 -9.75
CA ARG A 9 11.63 -1.50 -9.09
C ARG A 9 13.09 -1.92 -8.98
N LEU A 10 13.33 -3.22 -8.80
CA LEU A 10 14.69 -3.70 -8.59
C LEU A 10 15.28 -4.32 -9.86
N GLY A 11 14.79 -3.91 -11.01
CA GLY A 11 15.37 -4.32 -12.28
C GLY A 11 14.49 -5.24 -13.10
N LYS A 12 15.12 -6.13 -13.85
CA LYS A 12 14.41 -7.03 -14.74
C LYS A 12 14.61 -8.48 -14.30
N THR A 13 13.53 -9.24 -14.33
CA THR A 13 13.57 -10.65 -13.98
C THR A 13 12.93 -11.48 -15.08
N THR A 14 13.63 -12.52 -15.53
CA THR A 14 13.08 -13.42 -16.53
C THR A 14 12.77 -14.78 -15.90
N LEU A 15 11.58 -15.29 -16.18
CA LEU A 15 11.20 -16.61 -15.70
C LEU A 15 10.14 -17.21 -16.62
N GLU A 16 10.04 -18.53 -16.58
CA GLU A 16 8.99 -19.25 -17.27
C GLU A 16 7.60 -18.89 -16.73
N GLN A 17 6.65 -18.68 -17.62
CA GLN A 17 5.28 -18.39 -17.20
C GLN A 17 4.67 -19.45 -16.29
N LYS A 18 3.70 -19.02 -15.49
CA LYS A 18 2.95 -19.89 -14.60
C LYS A 18 3.84 -20.69 -13.66
N PRO A 19 4.63 -19.99 -12.86
CA PRO A 19 5.43 -20.67 -11.83
C PRO A 19 4.50 -21.37 -10.86
N GLN A 20 4.85 -22.61 -10.51
CA GLN A 20 3.96 -23.46 -9.72
C GLN A 20 4.12 -23.24 -8.22
N ARG A 21 5.34 -22.93 -7.80
CA ARG A 21 5.65 -22.72 -6.39
C ARG A 21 6.05 -21.26 -6.18
N VAL A 22 5.18 -20.51 -5.55
CA VAL A 22 5.39 -19.08 -5.36
C VAL A 22 5.53 -18.78 -3.87
N VAL A 23 6.59 -18.06 -3.52
CA VAL A 23 6.80 -17.59 -2.15
C VAL A 23 6.51 -16.10 -2.16
N VAL A 24 5.77 -15.62 -1.16
CA VAL A 24 5.39 -14.21 -1.14
C VAL A 24 5.77 -13.55 0.18
N ILE A 25 6.53 -12.46 0.08
CA ILE A 25 6.82 -11.63 1.25
C ILE A 25 6.15 -10.27 1.04
N GLY A 26 5.40 -9.81 2.04
CA GLY A 26 4.68 -8.54 1.91
C GLY A 26 3.18 -8.75 1.79
N VAL A 27 2.41 -7.92 2.48
CA VAL A 27 0.95 -8.06 2.50
C VAL A 27 0.32 -7.59 1.21
N GLY A 28 0.91 -6.58 0.56
CA GLY A 28 0.34 -6.07 -0.68
C GLY A 28 0.49 -7.10 -1.80
N ALA A 29 1.67 -7.70 -1.88
CA ALA A 29 1.94 -8.77 -2.84
C ALA A 29 0.99 -9.96 -2.59
N LEU A 30 0.85 -10.36 -1.33
CA LEU A 30 -0.04 -11.47 -0.99
C LEU A 30 -1.51 -11.17 -1.35
N ASP A 31 -1.97 -9.95 -1.01
CA ASP A 31 -3.30 -9.47 -1.41
C ASP A 31 -3.53 -9.63 -2.92
N ALA A 32 -2.65 -9.06 -3.74
CA ALA A 32 -2.91 -9.11 -5.18
C ALA A 32 -2.82 -10.54 -5.71
N ILE A 33 -1.84 -11.28 -5.21
CA ILE A 33 -1.64 -12.66 -5.66
C ILE A 33 -2.84 -13.54 -5.30
N ASP A 34 -3.25 -13.49 -4.04
CA ASP A 34 -4.45 -14.23 -3.65
C ASP A 34 -5.70 -13.77 -4.41
N SER A 35 -5.85 -12.45 -4.56
CA SER A 35 -7.03 -11.89 -5.23
C SER A 35 -7.20 -12.40 -6.66
N PHE A 36 -6.08 -12.62 -7.34
CA PHE A 36 -6.10 -13.11 -8.72
C PHE A 36 -6.10 -14.63 -8.80
N GLY A 37 -6.24 -15.28 -7.65
CA GLY A 37 -6.51 -16.70 -7.61
C GLY A 37 -5.31 -17.61 -7.52
N ILE A 38 -4.16 -17.05 -7.18
CA ILE A 38 -2.93 -17.84 -7.04
C ILE A 38 -2.68 -18.20 -5.58
N GLU A 39 -2.27 -19.44 -5.32
CA GLU A 39 -2.03 -19.86 -3.94
C GLU A 39 -0.55 -20.13 -3.70
N PRO A 40 0.09 -19.34 -2.83
CA PRO A 40 1.53 -19.46 -2.59
C PRO A 40 1.85 -20.68 -1.72
N VAL A 41 3.11 -21.09 -1.72
CA VAL A 41 3.56 -22.20 -0.91
C VAL A 41 4.17 -21.78 0.42
N ALA A 42 4.53 -20.51 0.54
CA ALA A 42 5.10 -19.96 1.77
C ALA A 42 4.90 -18.45 1.76
N VAL A 43 4.74 -17.87 2.95
CA VAL A 43 4.41 -16.46 3.08
C VAL A 43 5.08 -15.83 4.27
N SER A 44 5.33 -14.53 4.20
CA SER A 44 5.76 -13.82 5.39
C SER A 44 4.65 -13.87 6.42
N LYS A 45 5.02 -13.64 7.67
CA LYS A 45 4.09 -13.63 8.79
C LYS A 45 4.20 -12.27 9.44
N PHE A 46 3.04 -11.72 9.81
CA PHE A 46 2.92 -10.39 10.35
C PHE A 46 1.70 -10.37 11.27
N ASP A 47 1.87 -9.85 12.48
CA ASP A 47 0.80 -9.87 13.48
C ASP A 47 -0.43 -9.08 13.00
N GLY A 48 -0.19 -8.11 12.12
CA GLY A 48 -1.24 -7.25 11.60
C GLY A 48 -1.87 -7.67 10.29
N THR A 49 -1.60 -8.89 9.85
CA THR A 49 -2.21 -9.41 8.62
C THR A 49 -3.74 -9.18 8.62
N PRO A 50 -4.28 -8.64 7.51
CA PRO A 50 -5.71 -8.28 7.46
C PRO A 50 -6.61 -9.52 7.39
N ASP A 51 -7.84 -9.35 7.87
CA ASP A 51 -8.78 -10.46 7.86
C ASP A 51 -8.90 -11.14 6.51
N TYR A 52 -8.92 -10.39 5.42
CA TYR A 52 -9.16 -11.02 4.13
C TYR A 52 -8.04 -11.97 3.69
N LEU A 53 -6.93 -11.98 4.43
CA LEU A 53 -5.81 -12.91 4.17
C LEU A 53 -5.56 -13.85 5.35
N ALA A 54 -6.58 -14.03 6.19
CA ALA A 54 -6.40 -14.76 7.44
C ALA A 54 -5.88 -16.18 7.30
N LYS A 55 -6.24 -16.88 6.22
CA LYS A 55 -5.81 -18.26 6.10
C LYS A 55 -4.30 -18.39 6.04
N TYR A 56 -3.64 -17.34 5.54
CA TYR A 56 -2.18 -17.36 5.41
C TYR A 56 -1.47 -17.17 6.74
N LYS A 57 -2.23 -16.95 7.81
CA LYS A 57 -1.62 -16.79 9.12
C LYS A 57 -1.23 -18.14 9.70
N SER A 58 -1.85 -19.22 9.22
CA SER A 58 -1.63 -20.54 9.84
C SER A 58 -0.38 -21.27 9.34
N ASP A 59 0.00 -22.30 10.07
CA ASP A 59 1.15 -23.14 9.73
C ASP A 59 0.92 -23.99 8.49
N LYS A 60 -0.27 -23.92 7.91
CA LYS A 60 -0.47 -24.55 6.61
C LYS A 60 0.54 -23.93 5.62
N TYR A 61 0.84 -22.65 5.84
CA TYR A 61 1.79 -21.93 5.00
C TYR A 61 3.06 -21.63 5.79
N PRO A 62 4.18 -22.28 5.44
CA PRO A 62 5.45 -22.06 6.14
C PRO A 62 5.87 -20.60 6.09
N SER A 63 6.53 -20.13 7.13
CA SER A 63 6.92 -18.73 7.21
C SER A 63 8.12 -18.46 6.32
N ALA A 64 7.99 -17.46 5.46
CA ALA A 64 9.10 -17.02 4.62
C ALA A 64 9.82 -15.84 5.27
N GLY A 65 9.47 -15.56 6.52
CA GLY A 65 10.09 -14.48 7.28
C GLY A 65 9.10 -13.39 7.64
N SER A 66 9.62 -12.21 7.97
CA SER A 66 8.79 -11.07 8.32
C SER A 66 8.60 -10.20 7.09
N LEU A 67 7.93 -9.06 7.25
CA LEU A 67 7.75 -8.14 6.13
C LEU A 67 9.09 -7.58 5.67
N PHE A 68 10.05 -7.52 6.59
CA PHE A 68 11.34 -6.88 6.30
C PHE A 68 12.48 -7.88 6.05
N GLU A 69 12.44 -8.99 6.80
CA GLU A 69 13.56 -9.93 6.86
C GLU A 69 13.16 -11.33 6.42
N PRO A 70 13.56 -11.70 5.19
CA PRO A 70 13.26 -13.04 4.67
C PRO A 70 13.97 -14.11 5.46
N ASP A 71 13.33 -15.27 5.60
CA ASP A 71 13.96 -16.45 6.14
C ASP A 71 14.55 -17.23 4.97
N PHE A 72 15.80 -16.90 4.63
CA PHE A 72 16.42 -17.46 3.43
C PHE A 72 16.48 -18.99 3.47
N GLU A 73 16.78 -19.53 4.64
CA GLU A 73 16.89 -20.99 4.75
C GLU A 73 15.57 -21.67 4.41
N THR A 74 14.47 -21.19 4.97
CA THR A 74 13.18 -21.80 4.72
C THR A 74 12.78 -21.60 3.26
N ILE A 75 13.01 -20.40 2.74
CA ILE A 75 12.68 -20.11 1.35
C ILE A 75 13.40 -21.09 0.42
N TYR A 76 14.68 -21.32 0.67
CA TYR A 76 15.45 -22.25 -0.16
C TYR A 76 14.86 -23.65 -0.10
N THR A 77 14.47 -24.07 1.10
CA THR A 77 13.87 -25.38 1.31
C THR A 77 12.58 -25.56 0.53
N GLN A 78 11.83 -24.47 0.37
CA GLN A 78 10.56 -24.51 -0.35
C GLN A 78 10.68 -24.63 -1.88
N LYS A 79 11.91 -24.51 -2.41
CA LYS A 79 12.14 -24.66 -3.84
C LYS A 79 11.20 -23.82 -4.69
N PRO A 80 11.22 -22.50 -4.47
CA PRO A 80 10.30 -21.66 -5.22
C PRO A 80 10.66 -21.54 -6.70
N ASP A 81 9.63 -21.40 -7.53
CA ASP A 81 9.82 -21.06 -8.93
C ASP A 81 9.81 -19.55 -9.07
N LEU A 82 9.20 -18.87 -8.11
CA LEU A 82 9.11 -17.40 -8.12
C LEU A 82 9.00 -16.90 -6.68
N ILE A 83 9.75 -15.85 -6.36
CA ILE A 83 9.60 -15.13 -5.11
C ILE A 83 9.08 -13.72 -5.43
N VAL A 84 7.95 -13.35 -4.83
CA VAL A 84 7.44 -11.98 -4.97
C VAL A 84 7.55 -11.25 -3.65
N ILE A 85 8.21 -10.09 -3.65
CA ILE A 85 8.39 -9.33 -2.41
C ILE A 85 7.83 -7.91 -2.52
N GLY A 86 7.43 -7.35 -1.39
CA GLY A 86 7.03 -5.95 -1.32
C GLY A 86 8.23 -5.06 -1.08
N PRO A 87 8.01 -3.75 -1.00
CA PRO A 87 9.16 -2.84 -0.89
C PRO A 87 9.90 -2.97 0.44
N ARG A 88 9.21 -3.43 1.49
CA ARG A 88 9.84 -3.52 2.80
C ARG A 88 11.03 -4.49 2.83
N ALA A 89 10.97 -5.52 1.99
CA ALA A 89 12.01 -6.56 1.98
C ALA A 89 13.04 -6.33 0.89
N SER A 90 12.95 -5.19 0.21
CA SER A 90 13.72 -5.01 -1.01
C SER A 90 15.23 -4.95 -0.81
N LYS A 91 15.69 -4.63 0.39
CA LYS A 91 17.13 -4.63 0.62
C LYS A 91 17.69 -6.03 0.50
N SER A 92 16.81 -7.04 0.57
CA SER A 92 17.23 -8.43 0.52
C SER A 92 17.09 -9.02 -0.86
N TYR A 93 16.71 -8.19 -1.82
CA TYR A 93 16.50 -8.66 -3.18
C TYR A 93 17.69 -9.43 -3.78
N ASP A 94 18.90 -8.90 -3.59
CA ASP A 94 20.06 -9.51 -4.23
C ASP A 94 20.23 -10.94 -3.75
N GLU A 95 20.03 -11.14 -2.44
CA GLU A 95 20.15 -12.47 -1.85
C GLU A 95 19.03 -13.40 -2.32
N LEU A 96 17.80 -12.88 -2.38
CA LEU A 96 16.67 -13.71 -2.81
C LEU A 96 16.83 -14.06 -4.29
N SER A 97 17.39 -13.15 -5.08
CA SER A 97 17.49 -13.38 -6.52
C SER A 97 18.39 -14.58 -6.84
N LYS A 98 19.27 -14.93 -5.90
CA LYS A 98 20.13 -16.10 -6.09
C LYS A 98 19.33 -17.39 -6.01
N ILE A 99 18.28 -17.37 -5.19
CA ILE A 99 17.53 -18.58 -4.87
C ILE A 99 16.54 -18.92 -5.97
N ALA A 100 15.89 -17.90 -6.49
CA ALA A 100 14.92 -18.08 -7.58
C ALA A 100 14.59 -16.73 -8.16
N PRO A 101 14.02 -16.71 -9.36
CA PRO A 101 13.58 -15.44 -9.93
C PRO A 101 12.72 -14.72 -8.90
N THR A 102 13.04 -13.45 -8.68
CA THR A 102 12.39 -12.63 -7.68
C THR A 102 11.87 -11.35 -8.32
N ILE A 103 10.66 -10.94 -7.95
CA ILE A 103 10.09 -9.71 -8.47
C ILE A 103 9.65 -8.85 -7.32
N VAL A 104 9.88 -7.55 -7.44
CA VAL A 104 9.38 -6.61 -6.44
C VAL A 104 8.02 -6.07 -6.87
N PHE A 105 7.09 -6.05 -5.92
CA PHE A 105 5.71 -5.64 -6.17
C PHE A 105 5.48 -4.40 -5.32
N ALA A 106 5.41 -3.24 -5.95
CA ALA A 106 5.42 -2.00 -5.20
C ALA A 106 4.93 -0.82 -6.01
N ALA A 107 4.44 0.20 -5.29
CA ALA A 107 4.04 1.47 -5.89
C ALA A 107 5.24 2.39 -6.04
N GLU A 108 5.17 3.34 -6.98
CA GLU A 108 6.23 4.34 -7.16
C GLU A 108 5.67 5.74 -7.00
N ALA A 109 6.25 6.52 -6.10
CA ALA A 109 5.77 7.88 -5.83
C ALA A 109 5.92 8.82 -7.01
N ASP A 110 7.03 8.70 -7.73
CA ASP A 110 7.25 9.60 -8.87
C ASP A 110 6.19 9.45 -9.98
N GLN A 111 5.94 8.23 -10.45
CA GLN A 111 4.93 8.05 -11.49
C GLN A 111 3.51 8.08 -10.93
N GLY A 112 3.40 7.87 -9.62
CA GLY A 112 2.10 7.93 -8.95
C GLY A 112 1.58 6.55 -8.60
N TYR A 113 0.86 6.49 -7.48
CA TYR A 113 0.34 5.21 -6.99
C TYR A 113 -0.44 4.39 -8.03
N TRP A 114 -1.43 4.99 -8.66
CA TRP A 114 -2.31 4.20 -9.54
C TRP A 114 -1.65 3.77 -10.85
N GLU A 115 -0.91 4.67 -11.49
CA GLU A 115 -0.20 4.29 -12.71
C GLU A 115 0.78 3.15 -12.41
N SER A 116 1.51 3.26 -11.30
CA SER A 116 2.47 2.22 -10.99
C SER A 116 1.82 0.92 -10.52
N THR A 117 0.73 1.04 -9.77
CA THR A 117 0.00 -0.14 -9.30
C THR A 117 -0.58 -0.95 -10.46
N GLN A 118 -1.13 -0.27 -11.46
CA GLN A 118 -1.57 -0.93 -12.69
C GLN A 118 -0.49 -1.80 -13.31
N GLN A 119 0.73 -1.27 -13.38
CA GLN A 119 1.83 -2.05 -13.92
C GLN A 119 2.14 -3.25 -13.04
N GLN A 120 2.01 -3.11 -11.72
CA GLN A 120 2.28 -4.23 -10.83
C GLN A 120 1.28 -5.35 -11.10
N TRP A 121 0.00 -4.99 -11.25
CA TRP A 121 -1.00 -6.00 -11.56
C TRP A 121 -0.75 -6.60 -12.96
N ARG A 122 -0.40 -5.75 -13.92
CA ARG A 122 -0.09 -6.25 -15.25
C ARG A 122 1.10 -7.21 -15.23
N ASN A 123 2.08 -6.93 -14.36
CA ASN A 123 3.20 -7.84 -14.19
C ASN A 123 2.75 -9.23 -13.73
N LEU A 124 1.88 -9.27 -12.72
CA LEU A 124 1.26 -10.51 -12.31
C LEU A 124 0.50 -11.18 -13.46
N GLY A 125 -0.26 -10.40 -14.21
CA GLY A 125 -1.00 -10.95 -15.34
C GLY A 125 -0.08 -11.68 -16.32
N LYS A 126 1.08 -11.09 -16.59
CA LYS A 126 2.05 -11.68 -17.50
C LYS A 126 2.69 -12.94 -16.91
N VAL A 127 3.04 -12.88 -15.63
CA VAL A 127 3.65 -14.03 -15.00
C VAL A 127 2.73 -15.25 -15.00
N PHE A 128 1.45 -15.03 -14.73
CA PHE A 128 0.51 -16.14 -14.58
C PHE A 128 -0.41 -16.35 -15.78
N ALA A 129 -0.16 -15.63 -16.86
CA ALA A 129 -1.01 -15.72 -18.04
C ALA A 129 -2.49 -15.48 -17.72
N ILE A 130 -2.77 -14.45 -16.94
CA ILE A 130 -4.14 -14.08 -16.65
C ILE A 130 -4.41 -12.62 -17.02
N GLU A 131 -3.82 -12.19 -18.13
CA GLU A 131 -3.96 -10.82 -18.59
C GLU A 131 -5.41 -10.31 -18.67
N PRO A 132 -6.33 -11.14 -19.19
CA PRO A 132 -7.73 -10.66 -19.32
C PRO A 132 -8.37 -10.32 -17.98
N ALA A 133 -8.15 -11.16 -16.97
CA ALA A 133 -8.71 -10.90 -15.65
C ALA A 133 -8.11 -9.64 -15.05
N VAL A 134 -6.81 -9.46 -15.26
CA VAL A 134 -6.16 -8.26 -14.76
C VAL A 134 -6.72 -7.02 -15.44
N GLU A 135 -6.88 -7.08 -16.76
CA GLU A 135 -7.40 -5.93 -17.48
C GLU A 135 -8.84 -5.59 -17.06
N ALA A 136 -9.66 -6.61 -16.84
CA ALA A 136 -11.02 -6.38 -16.38
C ALA A 136 -11.01 -5.63 -15.05
N LYS A 137 -10.14 -6.07 -14.15
CA LYS A 137 -10.02 -5.45 -12.83
C LYS A 137 -9.54 -4.02 -12.96
N ILE A 138 -8.52 -3.81 -13.80
CA ILE A 138 -8.01 -2.48 -14.03
C ILE A 138 -9.09 -1.54 -14.56
N GLU A 139 -9.86 -1.98 -15.54
CA GLU A 139 -10.92 -1.14 -16.11
C GLU A 139 -11.89 -0.72 -15.02
N GLN A 140 -12.24 -1.65 -14.16
CA GLN A 140 -13.19 -1.42 -13.07
C GLN A 140 -12.66 -0.35 -12.11
N VAL A 141 -11.44 -0.54 -11.63
CA VAL A 141 -10.87 0.33 -10.61
C VAL A 141 -10.51 1.71 -11.19
N ASP A 142 -10.04 1.73 -12.42
CA ASP A 142 -9.69 2.97 -13.09
C ASP A 142 -10.87 3.93 -13.13
N ALA A 143 -12.07 3.40 -13.36
CA ALA A 143 -13.24 4.26 -13.45
C ALA A 143 -13.53 4.95 -12.12
N GLN A 144 -13.28 4.22 -11.04
CA GLN A 144 -13.45 4.72 -9.69
C GLN A 144 -12.46 5.85 -9.37
N PHE A 145 -11.20 5.62 -9.69
CA PHE A 145 -10.19 6.67 -9.56
C PHE A 145 -10.60 7.90 -10.35
N LYS A 146 -11.01 7.71 -11.60
CA LYS A 146 -11.31 8.83 -12.48
C LYS A 146 -12.47 9.66 -11.94
N SER A 147 -13.49 8.97 -11.41
CA SER A 147 -14.66 9.65 -10.88
C SER A 147 -14.32 10.49 -9.65
N ILE A 148 -13.55 9.92 -8.72
CA ILE A 148 -13.13 10.64 -7.53
C ILE A 148 -12.31 11.86 -7.88
N MET A 149 -11.36 11.69 -8.80
CA MET A 149 -10.48 12.78 -9.19
C MET A 149 -11.28 13.93 -9.78
N GLN A 150 -12.27 13.59 -10.59
CA GLN A 150 -13.14 14.61 -11.19
C GLN A 150 -13.82 15.41 -10.10
N TYR A 151 -14.42 14.70 -9.16
CA TYR A 151 -15.11 15.32 -8.05
C TYR A 151 -14.25 16.36 -7.36
N ASN A 152 -13.04 15.96 -6.94
CA ASN A 152 -12.15 16.84 -6.21
C ASN A 152 -11.58 18.00 -7.03
N GLN A 153 -11.49 17.82 -8.34
CA GLN A 153 -11.07 18.91 -9.21
C GLN A 153 -12.23 19.88 -9.44
N GLN A 154 -13.45 19.36 -9.38
CA GLN A 154 -14.65 20.16 -9.62
C GLN A 154 -15.11 20.84 -8.33
N HIS A 155 -14.58 20.37 -7.21
CA HIS A 155 -14.76 21.04 -5.93
C HIS A 155 -13.36 21.29 -5.41
N LYS A 156 -12.50 21.83 -6.26
CA LYS A 156 -11.06 21.85 -6.00
C LYS A 156 -10.71 22.24 -4.58
N SER A 157 -10.24 21.26 -3.81
CA SER A 157 -9.89 21.52 -2.42
C SER A 157 -8.66 20.75 -1.97
N ASP A 158 -8.05 21.23 -0.88
CA ASP A 158 -6.79 20.70 -0.38
C ASP A 158 -7.01 19.60 0.66
N ALA A 159 -6.00 18.76 0.82
CA ALA A 159 -6.03 17.75 1.88
C ALA A 159 -4.67 17.69 2.53
N MET A 160 -4.67 17.42 3.82
CA MET A 160 -3.44 17.19 4.55
C MET A 160 -3.47 15.73 4.97
N LEU A 161 -2.39 15.02 4.71
CA LEU A 161 -2.29 13.62 5.08
C LEU A 161 -1.41 13.57 6.32
N VAL A 162 -1.96 13.04 7.41
CA VAL A 162 -1.24 12.97 8.67
C VAL A 162 -1.16 11.53 9.14
N MET A 163 0.04 11.08 9.49
CA MET A 163 0.19 9.78 10.10
C MET A 163 0.49 9.96 11.58
N SER A 164 -0.06 9.10 12.40
CA SER A 164 0.20 9.12 13.84
C SER A 164 0.83 7.80 14.27
N SER A 165 1.94 7.89 14.99
CA SER A 165 2.66 6.70 15.39
C SER A 165 3.43 6.99 16.67
N GLY A 166 3.11 6.27 17.74
CA GLY A 166 3.81 6.43 19.00
C GLY A 166 3.81 7.85 19.53
N GLY A 167 2.76 8.60 19.21
CA GLY A 167 2.68 9.99 19.61
C GLY A 167 3.27 10.97 18.61
N ASN A 168 3.95 10.46 17.58
CA ASN A 168 4.53 11.30 16.55
C ASN A 168 3.53 11.56 15.43
N LEU A 169 3.32 12.83 15.09
CA LEU A 169 2.51 13.17 13.92
C LEU A 169 3.47 13.53 12.80
N THR A 170 3.26 12.94 11.63
CA THR A 170 4.06 13.25 10.45
C THR A 170 3.14 13.54 9.27
N THR A 171 3.65 14.29 8.30
CA THR A 171 2.87 14.60 7.12
C THR A 171 3.61 14.17 5.85
N PHE A 172 2.83 13.87 4.81
CA PHE A 172 3.34 13.35 3.56
C PHE A 172 2.63 14.10 2.45
N GLY A 173 3.32 14.32 1.33
CA GLY A 173 2.72 15.04 0.22
C GLY A 173 2.61 14.22 -1.07
N ALA A 174 2.55 14.92 -2.20
CA ALA A 174 2.27 14.29 -3.49
C ALA A 174 3.37 13.32 -3.96
N ASN A 175 4.60 13.57 -3.54
CA ASN A 175 5.72 12.75 -3.98
C ASN A 175 6.18 11.79 -2.91
N SER A 176 5.20 11.18 -2.27
CA SER A 176 5.43 10.28 -1.14
C SER A 176 4.71 8.97 -1.39
N ARG A 177 4.82 8.07 -0.42
CA ARG A 177 4.13 6.80 -0.49
C ARG A 177 2.63 7.02 -0.58
N PHE A 178 2.15 8.20 -0.20
CA PHE A 178 0.71 8.50 -0.28
C PHE A 178 0.39 9.39 -1.48
N SER A 179 1.18 9.25 -2.54
CA SER A 179 0.97 10.03 -3.77
C SER A 179 -0.47 9.92 -4.29
N SER A 180 -1.11 8.77 -4.07
CA SER A 180 -2.47 8.53 -4.55
C SER A 180 -3.43 9.67 -4.22
N VAL A 181 -3.31 10.19 -3.01
CA VAL A 181 -4.19 11.25 -2.53
C VAL A 181 -4.20 12.45 -3.48
N TYR A 182 -3.03 12.80 -4.00
CA TYR A 182 -2.86 14.02 -4.78
C TYR A 182 -2.84 13.76 -6.28
N LYS A 183 -2.11 12.74 -6.69
CA LYS A 183 -1.90 12.46 -8.11
C LYS A 183 -3.04 11.67 -8.75
N ASP A 184 -3.71 10.85 -7.95
CA ASP A 184 -4.76 9.98 -8.48
C ASP A 184 -6.15 10.38 -8.05
N PHE A 185 -6.31 10.81 -6.80
CA PHE A 185 -7.61 11.11 -6.26
C PHE A 185 -7.97 12.59 -6.41
N GLY A 186 -6.99 13.39 -6.81
CA GLY A 186 -7.24 14.76 -7.23
C GLY A 186 -7.28 15.85 -6.18
N PHE A 187 -6.80 15.57 -4.97
CA PHE A 187 -6.68 16.60 -3.96
C PHE A 187 -5.45 17.44 -4.26
N SER A 188 -5.43 18.67 -3.77
CA SER A 188 -4.19 19.45 -3.77
C SER A 188 -3.63 19.42 -2.34
N GLU A 189 -2.33 19.67 -2.20
CA GLU A 189 -1.72 19.68 -0.88
C GLU A 189 -2.08 20.96 -0.12
N THR A 190 -2.55 20.81 1.11
CA THR A 190 -2.79 21.97 1.97
C THR A 190 -1.49 22.78 2.03
N VAL A 191 -0.42 22.11 2.45
CA VAL A 191 0.89 22.74 2.36
C VAL A 191 1.86 21.86 1.57
N PRO A 192 2.43 22.43 0.50
CA PRO A 192 3.43 21.74 -0.29
C PRO A 192 4.59 21.28 0.57
N VAL A 193 4.73 19.97 0.73
CA VAL A 193 5.81 19.42 1.55
C VAL A 193 7.12 19.31 0.76
N SER A 194 7.28 20.21 -0.22
CA SER A 194 8.51 20.31 -1.01
C SER A 194 9.11 18.94 -1.36
N LYS A 195 10.44 18.85 -1.37
CA LYS A 195 11.10 17.57 -1.62
C LYS A 195 10.94 16.69 -0.38
N GLU A 196 10.38 15.49 -0.56
CA GLU A 196 10.03 14.67 0.59
C GLU A 196 11.17 13.80 1.09
N SER A 197 10.82 12.92 2.00
CA SER A 197 11.73 11.90 2.49
C SER A 197 10.88 10.68 2.81
N SER A 198 11.51 9.51 2.77
CA SER A 198 10.84 8.24 3.03
C SER A 198 9.78 8.30 4.15
N HIS A 199 10.20 8.73 5.34
CA HIS A 199 9.37 8.62 6.54
C HIS A 199 8.53 9.84 6.89
N GLY A 200 8.36 10.77 5.96
CA GLY A 200 7.54 11.94 6.20
C GLY A 200 8.23 13.06 6.96
N ASP A 201 7.50 14.13 7.22
CA ASP A 201 8.03 15.28 7.96
C ASP A 201 7.30 15.44 9.27
N LEU A 202 8.05 15.71 10.33
CA LEU A 202 7.45 15.82 11.65
C LEU A 202 6.62 17.09 11.79
N ILE A 203 5.40 16.94 12.29
CA ILE A 203 4.52 18.07 12.55
C ILE A 203 3.97 18.01 13.97
N SER A 204 2.84 18.67 14.19
CA SER A 204 2.25 18.77 15.53
C SER A 204 0.79 19.14 15.36
N PHE A 205 0.04 19.13 16.45
CA PHE A 205 -1.35 19.57 16.38
C PHE A 205 -1.42 21.06 16.08
N GLU A 206 -0.44 21.82 16.54
CA GLU A 206 -0.38 23.24 16.27
C GLU A 206 -0.25 23.49 14.77
N TYR A 207 0.55 22.67 14.11
CA TYR A 207 0.74 22.75 12.66
C TYR A 207 -0.57 22.45 11.91
N ILE A 208 -1.31 21.44 12.38
CA ILE A 208 -2.59 21.08 11.76
C ILE A 208 -3.59 22.23 11.91
N ARG A 209 -3.68 22.77 13.12
CA ARG A 209 -4.59 23.90 13.39
C ARG A 209 -4.18 25.16 12.64
N GLU A 210 -2.88 25.48 12.66
CA GLU A 210 -2.38 26.70 12.02
C GLU A 210 -2.64 26.68 10.51
N HIS A 211 -2.34 25.54 9.88
CA HIS A 211 -2.50 25.42 8.42
C HIS A 211 -3.95 25.17 8.00
N ASN A 212 -4.76 24.67 8.93
CA ASN A 212 -6.21 24.58 8.71
C ASN A 212 -6.60 23.92 7.38
N PRO A 213 -6.34 22.60 7.25
CA PRO A 213 -6.70 21.89 6.02
C PRO A 213 -8.22 21.80 5.86
N LYS A 214 -8.70 21.79 4.62
CA LYS A 214 -10.12 21.61 4.35
C LYS A 214 -10.51 20.16 4.53
N THR A 215 -9.59 19.26 4.21
CA THR A 215 -9.78 17.83 4.40
C THR A 215 -8.58 17.27 5.13
N LEU A 216 -8.83 16.41 6.10
CA LEU A 216 -7.76 15.84 6.90
C LEU A 216 -7.84 14.31 6.84
N LEU A 217 -6.80 13.71 6.27
CA LEU A 217 -6.75 12.25 6.13
C LEU A 217 -5.76 11.70 7.14
N VAL A 218 -6.22 10.82 8.00
CA VAL A 218 -5.41 10.38 9.13
C VAL A 218 -5.11 8.89 9.01
N VAL A 219 -3.83 8.55 9.18
CA VAL A 219 -3.38 7.16 9.17
C VAL A 219 -2.87 6.78 10.56
N ASP A 220 -3.58 5.88 11.23
CA ASP A 220 -3.24 5.45 12.58
C ASP A 220 -2.30 4.27 12.52
N ARG A 221 -1.01 4.54 12.43
CA ARG A 221 -0.04 3.47 12.24
C ARG A 221 -0.09 2.45 13.37
N ASP A 222 -0.40 2.92 14.57
CA ASP A 222 -0.38 2.03 15.73
C ASP A 222 -1.43 0.92 15.63
N LYS A 223 -2.49 1.15 14.86
CA LYS A 223 -3.54 0.14 14.70
C LYS A 223 -3.00 -1.22 14.30
N VAL A 224 -1.99 -1.23 13.43
CA VAL A 224 -1.45 -2.49 12.91
C VAL A 224 -0.13 -2.90 13.57
N VAL A 225 0.40 -2.04 14.43
CA VAL A 225 1.68 -2.32 15.10
C VAL A 225 1.53 -2.59 16.60
N THR A 226 0.65 -1.86 17.26
CA THR A 226 0.38 -2.08 18.69
C THR A 226 -0.45 -3.33 18.90
N LYS A 227 -0.26 -3.98 20.04
CA LYS A 227 -1.01 -5.20 20.38
C LYS A 227 -2.49 -4.88 20.56
N GLY A 228 -2.78 -3.65 21.01
CA GLY A 228 -4.15 -3.19 21.13
C GLY A 228 -4.64 -2.67 19.78
N GLU A 229 -5.93 -2.40 19.68
CA GLU A 229 -6.49 -1.92 18.42
C GLU A 229 -7.39 -0.70 18.65
N THR A 230 -7.13 0.05 19.71
CA THR A 230 -7.99 1.15 20.11
C THR A 230 -8.11 2.24 19.05
N ASN A 231 -9.08 3.12 19.24
CA ASN A 231 -9.40 4.17 18.28
C ASN A 231 -8.68 5.48 18.56
N ILE A 232 -7.83 5.89 17.62
CA ILE A 232 -7.09 7.15 17.74
C ILE A 232 -8.06 8.32 17.77
N ARG A 233 -9.19 8.18 17.07
CA ARG A 233 -10.14 9.28 16.96
C ARG A 233 -10.42 9.94 18.31
N GLN A 234 -10.69 9.11 19.33
CA GLN A 234 -10.99 9.64 20.65
C GLN A 234 -9.94 10.63 21.12
N THR A 235 -8.67 10.32 20.85
CA THR A 235 -7.58 11.15 21.32
C THR A 235 -7.14 12.19 20.28
N PHE A 236 -7.19 11.82 19.02
CA PHE A 236 -6.75 12.70 17.93
C PHE A 236 -7.59 13.97 17.86
N GLU A 237 -8.88 13.81 18.12
CA GLU A 237 -9.78 14.95 18.00
C GLU A 237 -9.81 15.76 19.28
N ASN A 238 -8.70 16.48 19.53
CA ASN A 238 -8.60 17.35 20.67
C ASN A 238 -9.04 18.76 20.31
N ASP A 239 -8.79 19.73 21.19
CA ASP A 239 -9.21 21.10 20.97
C ASP A 239 -8.63 21.73 19.71
N LEU A 240 -7.35 21.46 19.43
CA LEU A 240 -6.68 22.07 18.30
C LEU A 240 -7.25 21.57 16.97
N VAL A 241 -7.60 20.30 16.95
CA VAL A 241 -8.15 19.68 15.75
C VAL A 241 -9.60 20.11 15.52
N LYS A 242 -10.35 20.25 16.61
CA LYS A 242 -11.74 20.71 16.55
C LYS A 242 -11.85 22.10 15.91
N ALA A 243 -10.84 22.92 16.15
CA ALA A 243 -10.82 24.29 15.65
C ALA A 243 -10.53 24.35 14.16
N THR A 244 -10.46 23.17 13.54
CA THR A 244 -10.09 23.06 12.14
C THR A 244 -11.32 23.03 11.22
N THR A 245 -11.17 23.53 10.01
CA THR A 245 -12.23 23.48 9.01
C THR A 245 -12.64 22.03 8.71
N ALA A 246 -11.63 21.15 8.64
CA ALA A 246 -11.88 19.75 8.33
C ALA A 246 -12.82 19.10 9.33
N TYR A 247 -12.62 19.39 10.61
CA TYR A 247 -13.51 18.84 11.63
C TYR A 247 -14.93 19.37 11.46
N LYS A 248 -15.04 20.69 11.30
CA LYS A 248 -16.34 21.34 11.20
C LYS A 248 -17.14 20.85 9.99
N ASN A 249 -16.48 20.72 8.85
CA ASN A 249 -17.14 20.24 7.64
C ASN A 249 -17.34 18.74 7.67
N GLY A 250 -16.88 18.11 8.74
CA GLY A 250 -16.99 16.67 8.89
C GLY A 250 -16.14 15.95 7.85
N HIS A 251 -14.99 16.54 7.54
CA HIS A 251 -14.10 15.95 6.54
C HIS A 251 -12.77 15.50 7.13
N ILE A 252 -12.81 14.95 8.33
CA ILE A 252 -11.69 14.17 8.86
C ILE A 252 -11.95 12.71 8.56
N ALA A 253 -11.06 12.09 7.78
CA ALA A 253 -11.22 10.69 7.41
C ALA A 253 -10.11 9.85 8.02
N TYR A 254 -10.49 8.75 8.68
CA TYR A 254 -9.51 7.82 9.25
C TYR A 254 -9.28 6.65 8.29
N LEU A 255 -8.21 6.77 7.50
CA LEU A 255 -7.93 5.84 6.41
C LEU A 255 -7.63 4.44 6.92
N ASP A 256 -8.05 3.43 6.16
CA ASP A 256 -7.79 2.05 6.54
C ASP A 256 -6.28 1.82 6.53
N VAL A 257 -5.72 1.51 7.69
CA VAL A 257 -4.27 1.45 7.78
C VAL A 257 -3.66 0.32 6.95
N ASN A 258 -4.29 -0.86 6.97
CA ASN A 258 -3.81 -1.94 6.13
C ASN A 258 -3.77 -1.54 4.66
N ALA A 259 -4.87 -0.97 4.18
CA ALA A 259 -4.99 -0.71 2.75
C ALA A 259 -3.98 0.34 2.28
N TRP A 260 -3.78 1.39 3.06
CA TRP A 260 -2.96 2.53 2.63
C TRP A 260 -1.47 2.41 2.95
N TYR A 261 -1.17 1.69 4.02
CA TYR A 261 0.18 1.70 4.57
C TYR A 261 0.88 0.34 4.49
N ILE A 262 0.13 -0.72 4.77
CA ILE A 262 0.70 -2.07 4.83
C ILE A 262 0.64 -2.81 3.49
N ALA A 263 -0.55 -2.93 2.92
CA ALA A 263 -0.80 -3.82 1.79
C ALA A 263 -0.63 -3.06 0.50
N ILE A 264 0.57 -2.52 0.32
CA ILE A 264 0.85 -1.61 -0.79
C ILE A 264 0.55 -2.26 -2.14
N SER A 265 -0.29 -1.57 -2.93
CA SER A 265 -0.66 -2.01 -4.27
C SER A 265 -1.51 -3.28 -4.31
N GLY A 266 -2.06 -3.68 -3.16
CA GLY A 266 -2.95 -4.82 -3.15
C GLY A 266 -4.19 -4.55 -3.97
N VAL A 267 -4.85 -5.60 -4.44
CA VAL A 267 -6.16 -5.45 -5.09
C VAL A 267 -7.24 -5.01 -4.10
N LYS A 268 -7.42 -5.78 -3.04
CA LYS A 268 -8.41 -5.42 -2.01
C LYS A 268 -8.02 -4.10 -1.37
N ALA A 269 -6.72 -3.89 -1.21
CA ALA A 269 -6.22 -2.66 -0.61
C ALA A 269 -6.65 -1.45 -1.43
N THR A 270 -6.47 -1.56 -2.74
CA THR A 270 -6.77 -0.45 -3.63
C THR A 270 -8.27 -0.21 -3.67
N GLU A 271 -9.04 -1.28 -3.65
CA GLU A 271 -10.50 -1.14 -3.56
C GLU A 271 -10.93 -0.45 -2.27
N GLN A 272 -10.25 -0.75 -1.17
CA GLN A 272 -10.49 -0.05 0.09
C GLN A 272 -10.08 1.42 0.06
N MET A 273 -8.95 1.72 -0.58
CA MET A 273 -8.55 3.12 -0.75
C MET A 273 -9.65 3.90 -1.45
N VAL A 274 -10.18 3.33 -2.53
CA VAL A 274 -11.28 3.95 -3.26
C VAL A 274 -12.50 4.16 -2.35
N ALA A 275 -12.86 3.13 -1.61
CA ALA A 275 -13.99 3.24 -0.66
C ALA A 275 -13.75 4.35 0.35
N ASP A 276 -12.52 4.44 0.86
CA ASP A 276 -12.21 5.47 1.86
C ASP A 276 -12.37 6.87 1.26
N MET A 277 -11.89 7.05 0.04
CA MET A 277 -11.96 8.35 -0.63
C MET A 277 -13.42 8.73 -0.92
N LYS A 278 -14.20 7.76 -1.39
CA LYS A 278 -15.63 7.99 -1.61
C LYS A 278 -16.29 8.52 -0.34
N ALA A 279 -16.02 7.85 0.78
CA ALA A 279 -16.60 8.21 2.06
C ALA A 279 -16.26 9.65 2.46
N SER A 280 -15.03 10.07 2.22
CA SER A 280 -14.62 11.43 2.58
C SER A 280 -14.99 12.43 1.48
#